data_3BIN
#
_entry.id   3BIN
#
_cell.length_a   135.000
_cell.length_b   135.000
_cell.length_c   50.520
_cell.angle_alpha   90.000
_cell.angle_beta   90.000
_cell.angle_gamma   120.000
#
_symmetry.space_group_name_H-M   'P 65'
#
loop_
_entity.id
_entity.type
_entity.pdbx_description
1 polymer 'Band 4.1-like protein 3'
2 polymer 'Cell adhesion molecule 1'
3 water water
#
loop_
_entity_poly.entity_id
_entity_poly.type
_entity_poly.pdbx_seq_one_letter_code
_entity_poly.pdbx_strand_id
1 'polypeptide(L)'
;ASMQCKVILLDGSEYTCDVEKRSRGQVLFDKVCEHLNLLEKDYFGLTYRDAENQKNWLDPAKEIKKQVRSGAWHFSFNVK
FYPPDPAQLSEDITRYYLCLQLRDDIVSGRLPCSFVTLALLGSYTVQSELGDYDPDECGSDYISEFRFAPNHTKELEDKV
IELHKSHRGMTPAEAEMHFLENAKKLSMYGVDLHHAKDSEGVEIMLGVCASGLLIYRDRLRINRFAWPKVLKISYKRNNF
YIKIRPGEFEQFESTIGFKLPNHRAAKRLWKVCVEHHTFFRLL
;
A
2 'polypeptide(L)' ARHKGTYFTHEA B
#
# COMPACT_ATOMS: atom_id res chain seq x y z
N ALA A 1 22.30 9.09 -24.04
CA ALA A 1 21.47 10.16 -23.50
C ALA A 1 20.22 9.60 -22.82
N SER A 2 20.19 8.29 -22.63
CA SER A 2 19.06 7.63 -21.99
C SER A 2 19.52 6.49 -21.09
N MET A 3 18.63 6.04 -20.22
CA MET A 3 18.94 4.94 -19.30
C MET A 3 17.81 3.93 -19.24
N GLN A 4 18.16 2.65 -19.23
CA GLN A 4 17.19 1.60 -19.18
C GLN A 4 16.64 1.49 -17.75
N CYS A 5 15.31 1.42 -17.69
CA CYS A 5 14.54 1.16 -16.51
C CYS A 5 13.82 -0.18 -16.58
N LYS A 6 13.70 -0.83 -15.41
CA LYS A 6 12.98 -2.07 -15.27
C LYS A 6 11.99 -1.89 -14.12
N VAL A 7 10.74 -2.30 -14.35
CA VAL A 7 9.67 -2.19 -13.36
C VAL A 7 8.98 -3.55 -13.13
N ILE A 8 8.99 -4.07 -11.91
CA ILE A 8 8.23 -5.29 -11.54
C ILE A 8 6.79 -4.85 -11.37
N LEU A 9 5.93 -5.50 -12.14
CA LEU A 9 4.53 -5.19 -12.16
C LEU A 9 3.83 -6.10 -11.15
N LEU A 10 2.56 -5.84 -10.91
CA LEU A 10 1.83 -6.46 -9.79
C LEU A 10 1.51 -7.92 -10.08
N ASP A 11 1.52 -8.30 -11.37
CA ASP A 11 1.31 -9.72 -11.71
C ASP A 11 2.61 -10.49 -11.76
N GLY A 12 3.74 -9.84 -11.48
CA GLY A 12 5.03 -10.50 -11.41
C GLY A 12 5.88 -10.22 -12.64
N SER A 13 5.27 -9.77 -13.74
CA SER A 13 6.02 -9.52 -14.96
C SER A 13 6.82 -8.21 -14.83
N GLU A 14 7.56 -7.90 -15.88
CA GLU A 14 8.65 -6.91 -15.84
C GLU A 14 8.44 -6.02 -17.03
N TYR A 15 8.29 -4.71 -16.80
CA TYR A 15 8.22 -3.72 -17.87
C TYR A 15 9.66 -3.10 -18.03
N THR A 16 10.16 -3.03 -19.27
CA THR A 16 11.40 -2.39 -19.63
C THR A 16 11.09 -1.23 -20.58
N CYS A 17 11.73 -0.09 -20.32
CA CYS A 17 11.73 1.09 -21.23
C CYS A 17 13.01 1.86 -21.02
N ASP A 18 13.21 2.89 -21.81
CA ASP A 18 14.34 3.78 -21.70
C ASP A 18 13.75 5.16 -21.41
N VAL A 19 14.48 5.97 -20.66
CA VAL A 19 14.04 7.33 -20.31
C VAL A 19 15.29 8.16 -20.49
N GLU A 20 15.11 9.46 -20.67
N GLU A 20 15.14 9.45 -20.69
CA GLU A 20 16.23 10.39 -20.80
CA GLU A 20 16.26 10.34 -20.79
C GLU A 20 16.93 10.48 -19.46
C GLU A 20 16.97 10.37 -19.47
N LYS A 21 18.24 10.66 -19.49
CA LYS A 21 19.02 10.67 -18.26
C LYS A 21 18.49 11.64 -17.14
N ARG A 22 17.95 12.78 -17.55
N ARG A 22 17.95 12.77 -17.56
CA ARG A 22 17.46 13.77 -16.59
CA ARG A 22 17.48 13.78 -16.63
C ARG A 22 15.96 13.76 -16.40
C ARG A 22 15.97 13.77 -16.42
N SER A 23 15.31 12.66 -16.76
CA SER A 23 13.85 12.54 -16.59
C SER A 23 13.43 12.60 -15.13
N ARG A 24 12.34 13.30 -14.89
CA ARG A 24 11.65 13.28 -13.62
C ARG A 24 10.96 11.92 -13.48
N GLY A 25 10.67 11.50 -12.28
CA GLY A 25 9.91 10.28 -12.07
C GLY A 25 8.59 10.14 -12.82
N GLN A 26 7.83 11.24 -12.94
CA GLN A 26 6.64 11.29 -13.83
C GLN A 26 6.79 10.64 -15.22
N VAL A 27 7.89 10.87 -15.90
CA VAL A 27 8.10 10.26 -17.22
C VAL A 27 7.90 8.76 -17.20
N LEU A 28 8.55 8.11 -16.23
CA LEU A 28 8.58 6.66 -16.14
C LEU A 28 7.22 6.15 -15.66
N PHE A 29 6.69 6.78 -14.61
CA PHE A 29 5.35 6.48 -14.12
C PHE A 29 4.28 6.55 -15.23
N ASP A 30 4.34 7.56 -16.06
CA ASP A 30 3.35 7.72 -17.14
C ASP A 30 3.53 6.60 -18.13
N LYS A 31 4.76 6.17 -18.37
CA LYS A 31 4.98 5.08 -19.32
C LYS A 31 4.46 3.72 -18.80
N VAL A 32 4.65 3.46 -17.54
CA VAL A 32 4.15 2.26 -16.90
C VAL A 32 2.61 2.22 -16.89
N CYS A 33 1.95 3.29 -16.51
CA CYS A 33 0.51 3.35 -16.49
C CYS A 33 -0.07 3.26 -17.86
N GLU A 34 0.58 3.83 -18.84
CA GLU A 34 0.16 3.67 -20.23
C GLU A 34 0.22 2.19 -20.67
N HIS A 35 1.32 1.55 -20.32
CA HIS A 35 1.53 0.15 -20.52
C HIS A 35 0.34 -0.67 -19.93
N LEU A 36 -0.01 -0.35 -18.69
CA LEU A 36 -1.08 -0.94 -17.99
C LEU A 36 -2.49 -0.50 -18.33
N ASN A 37 -2.65 0.40 -19.27
CA ASN A 37 -3.94 1.01 -19.62
C ASN A 37 -4.70 1.45 -18.35
N LEU A 38 -3.93 1.99 -17.39
CA LEU A 38 -4.38 2.60 -16.14
C LEU A 38 -4.62 4.11 -16.24
N LEU A 39 -5.90 4.49 -16.22
CA LEU A 39 -6.32 5.84 -16.17
C LEU A 39 -6.38 6.43 -14.72
N GLU A 40 -6.76 5.65 -13.71
CA GLU A 40 -6.84 6.09 -12.31
C GLU A 40 -5.51 5.86 -11.64
N LYS A 41 -4.53 6.63 -12.09
CA LYS A 41 -3.18 6.30 -11.68
C LYS A 41 -2.67 6.88 -10.39
N ASP A 42 -3.44 7.75 -9.82
CA ASP A 42 -3.10 8.53 -8.68
C ASP A 42 -3.01 7.74 -7.41
N TYR A 43 -3.67 6.62 -7.37
CA TYR A 43 -3.58 5.71 -6.23
C TYR A 43 -2.24 4.96 -6.19
N PHE A 44 -1.46 5.05 -7.25
CA PHE A 44 -0.31 4.14 -7.49
C PHE A 44 0.98 4.92 -7.50
N GLY A 45 2.08 4.22 -7.25
CA GLY A 45 3.42 4.76 -7.49
C GLY A 45 4.47 3.72 -7.78
N LEU A 46 5.72 4.15 -7.77
CA LEU A 46 6.92 3.34 -8.02
C LEU A 46 7.81 3.38 -6.81
N THR A 47 8.23 2.22 -6.31
CA THR A 47 9.27 2.15 -5.28
C THR A 47 10.61 1.68 -5.87
N TYR A 48 11.65 2.07 -5.15
CA TYR A 48 13.01 1.68 -5.41
C TYR A 48 13.67 1.40 -4.08
N ARG A 49 14.80 0.66 -4.09
CA ARG A 49 15.65 0.45 -2.89
C ARG A 49 16.84 1.36 -3.00
N ASP A 50 17.23 1.97 -1.91
CA ASP A 50 18.40 2.83 -1.89
C ASP A 50 19.63 2.00 -1.49
N ALA A 51 20.78 2.69 -1.33
CA ALA A 51 22.05 2.01 -1.14
C ALA A 51 22.05 1.28 0.17
N GLU A 52 21.08 1.60 1.07
CA GLU A 52 20.94 0.91 2.39
C GLU A 52 19.85 -0.17 2.32
N ASN A 53 19.36 -0.43 1.12
CA ASN A 53 18.29 -1.40 0.89
C ASN A 53 16.95 -1.08 1.56
N GLN A 54 16.71 0.20 1.81
CA GLN A 54 15.42 0.70 2.28
C GLN A 54 14.53 1.04 1.09
N LYS A 55 13.23 0.70 1.20
CA LYS A 55 12.22 1.10 0.21
C LYS A 55 11.81 2.58 0.25
N ASN A 56 11.64 3.16 -0.93
CA ASN A 56 11.44 4.59 -1.06
C ASN A 56 10.46 4.74 -2.14
N TRP A 57 9.54 5.69 -2.07
CA TRP A 57 8.73 6.04 -3.24
C TRP A 57 9.54 6.92 -4.18
N LEU A 58 9.48 6.65 -5.49
CA LEU A 58 10.05 7.57 -6.46
C LEU A 58 9.17 8.78 -6.51
N ASP A 59 9.72 9.95 -6.19
CA ASP A 59 9.05 11.26 -6.29
C ASP A 59 8.94 11.61 -7.77
N PRO A 60 7.68 11.71 -8.32
CA PRO A 60 7.45 12.03 -9.72
C PRO A 60 7.83 13.42 -10.11
N ALA A 61 7.98 14.30 -9.15
CA ALA A 61 8.28 15.71 -9.42
C ALA A 61 9.77 15.97 -9.54
N LYS A 62 10.57 14.95 -9.33
CA LYS A 62 12.00 15.11 -9.19
C LYS A 62 12.77 14.19 -10.13
N GLU A 63 13.92 14.62 -10.63
CA GLU A 63 14.83 13.74 -11.38
C GLU A 63 15.05 12.40 -10.65
N ILE A 64 14.95 11.33 -11.42
CA ILE A 64 15.22 9.98 -11.00
C ILE A 64 16.67 9.89 -10.58
N LYS A 65 17.52 10.55 -11.33
CA LYS A 65 18.92 10.78 -11.07
C LYS A 65 19.26 11.08 -9.65
N LYS A 66 18.48 11.95 -9.04
CA LYS A 66 18.80 12.45 -7.72
C LYS A 66 18.39 11.51 -6.66
N GLN A 67 17.40 10.71 -6.98
CA GLN A 67 16.84 9.74 -6.06
C GLN A 67 17.58 8.39 -6.07
N VAL A 68 17.77 7.80 -7.26
CA VAL A 68 18.45 6.48 -7.42
C VAL A 68 19.84 6.84 -7.90
N ARG A 69 20.82 6.75 -6.97
CA ARG A 69 22.22 7.09 -7.27
C ARG A 69 22.89 6.01 -8.16
N SER A 70 22.57 4.74 -7.89
CA SER A 70 22.94 3.65 -8.75
C SER A 70 22.36 3.81 -10.16
N GLY A 71 23.03 3.29 -11.18
CA GLY A 71 22.42 3.21 -12.53
C GLY A 71 21.38 2.13 -12.69
N ALA A 72 21.21 1.32 -11.63
CA ALA A 72 20.28 0.22 -11.58
C ALA A 72 18.91 0.82 -11.23
N TRP A 73 18.26 1.32 -12.27
CA TRP A 73 16.98 2.03 -12.20
C TRP A 73 15.93 0.93 -12.28
N HIS A 74 15.87 0.13 -11.21
N HIS A 74 15.82 0.16 -11.19
CA HIS A 74 14.92 -0.98 -11.06
CA HIS A 74 14.93 -0.98 -11.11
C HIS A 74 13.89 -0.50 -10.07
C HIS A 74 13.90 -0.68 -10.03
N PHE A 75 12.63 -0.73 -10.42
CA PHE A 75 11.52 -0.28 -9.58
C PHE A 75 10.43 -1.32 -9.41
N SER A 76 9.53 -1.06 -8.47
CA SER A 76 8.33 -1.88 -8.26
C SER A 76 7.08 -1.01 -8.28
N PHE A 77 6.10 -1.43 -9.11
CA PHE A 77 4.83 -0.70 -9.25
C PHE A 77 3.84 -1.19 -8.18
N ASN A 78 3.33 -0.25 -7.39
CA ASN A 78 2.60 -0.59 -6.18
C ASN A 78 1.48 0.39 -5.89
N VAL A 79 0.49 -0.05 -5.08
CA VAL A 79 -0.53 0.87 -4.56
C VAL A 79 0.17 1.74 -3.49
N LYS A 80 -0.02 3.06 -3.63
CA LYS A 80 0.48 4.06 -2.70
C LYS A 80 -0.61 4.53 -1.73
N PHE A 81 -1.78 4.84 -2.30
CA PHE A 81 -2.91 5.32 -1.49
C PHE A 81 -4.00 4.34 -1.70
N TYR A 82 -4.32 3.60 -0.64
CA TYR A 82 -5.38 2.56 -0.75
C TYR A 82 -6.71 3.27 -0.56
N PRO A 83 -7.60 3.16 -1.58
CA PRO A 83 -8.93 3.77 -1.50
C PRO A 83 -9.73 3.20 -0.33
N PRO A 84 -10.28 4.04 0.52
CA PRO A 84 -11.16 3.51 1.56
C PRO A 84 -12.41 2.76 1.06
N ASP A 85 -13.00 3.16 -0.09
CA ASP A 85 -14.06 2.44 -0.80
C ASP A 85 -13.77 2.20 -2.26
N PRO A 86 -13.18 1.04 -2.55
CA PRO A 86 -12.88 0.63 -3.89
C PRO A 86 -14.05 0.46 -4.81
N ALA A 87 -15.27 0.25 -4.28
CA ALA A 87 -16.46 0.21 -5.13
C ALA A 87 -16.71 1.52 -5.88
N GLN A 88 -16.12 2.62 -5.40
CA GLN A 88 -16.27 3.97 -5.96
C GLN A 88 -15.24 4.30 -7.03
N LEU A 89 -14.23 3.46 -7.19
CA LEU A 89 -13.33 3.55 -8.32
C LEU A 89 -14.11 3.48 -9.63
N SER A 90 -13.72 4.23 -10.65
CA SER A 90 -14.50 4.25 -11.90
C SER A 90 -14.32 2.98 -12.75
N GLU A 91 -13.15 2.35 -12.64
CA GLU A 91 -12.77 1.29 -13.60
C GLU A 91 -12.47 -0.02 -12.91
N ASP A 92 -13.00 -1.08 -13.49
CA ASP A 92 -12.71 -2.48 -13.06
C ASP A 92 -11.24 -2.77 -13.02
N ILE A 93 -10.47 -2.28 -13.99
CA ILE A 93 -9.05 -2.53 -14.02
C ILE A 93 -8.27 -1.97 -12.81
N THR A 94 -8.66 -0.79 -12.30
CA THR A 94 -8.04 -0.21 -11.10
C THR A 94 -8.21 -1.14 -9.94
N ARG A 95 -9.43 -1.64 -9.80
CA ARG A 95 -9.79 -2.62 -8.77
C ARG A 95 -9.04 -3.93 -8.86
N TYR A 96 -8.78 -4.41 -10.06
CA TYR A 96 -7.99 -5.54 -10.34
C TYR A 96 -6.52 -5.41 -9.89
N TYR A 97 -5.87 -4.30 -10.25
CA TYR A 97 -4.50 -4.02 -9.79
C TYR A 97 -4.47 -3.89 -8.27
N LEU A 98 -5.47 -3.20 -7.72
CA LEU A 98 -5.72 -3.21 -6.27
C LEU A 98 -5.83 -4.62 -5.64
N CYS A 99 -6.63 -5.52 -6.20
CA CYS A 99 -6.63 -6.90 -5.70
C CYS A 99 -5.29 -7.62 -5.73
N LEU A 100 -4.52 -7.40 -6.80
CA LEU A 100 -3.23 -8.04 -6.95
C LEU A 100 -2.27 -7.61 -5.84
N GLN A 101 -2.29 -6.34 -5.52
CA GLN A 101 -1.52 -5.76 -4.45
C GLN A 101 -1.88 -6.32 -3.08
N LEU A 102 -3.19 -6.35 -2.80
CA LEU A 102 -3.72 -6.89 -1.57
C LEU A 102 -3.44 -8.37 -1.44
N ARG A 103 -3.45 -9.11 -2.52
CA ARG A 103 -3.02 -10.50 -2.48
C ARG A 103 -1.57 -10.71 -2.04
N ASP A 104 -0.69 -9.86 -2.52
CA ASP A 104 0.65 -9.85 -2.06
C ASP A 104 0.69 -9.43 -0.61
N ASP A 105 0.05 -8.29 -0.28
CA ASP A 105 -0.05 -7.80 1.17
C ASP A 105 -0.44 -8.90 2.15
N ILE A 106 -1.42 -9.72 1.77
CA ILE A 106 -1.82 -10.91 2.57
C ILE A 106 -0.71 -12.00 2.59
N VAL A 107 -0.25 -12.45 1.44
CA VAL A 107 0.67 -13.57 1.38
C VAL A 107 1.96 -13.23 2.10
N SER A 108 2.38 -11.97 1.99
CA SER A 108 3.61 -11.52 2.63
C SER A 108 3.44 -11.31 4.11
N GLY A 109 2.20 -11.36 4.61
CA GLY A 109 1.96 -11.13 6.03
C GLY A 109 1.80 -9.68 6.43
N ARG A 110 1.83 -8.75 5.48
CA ARG A 110 1.66 -7.33 5.82
C ARG A 110 0.23 -6.96 6.24
N LEU A 111 -0.76 -7.72 5.77
CA LEU A 111 -2.15 -7.51 6.12
C LEU A 111 -2.60 -8.81 6.77
N PRO A 112 -2.59 -8.86 8.11
CA PRO A 112 -3.08 -10.09 8.77
C PRO A 112 -4.61 -10.23 8.73
N CYS A 113 -5.15 -11.45 8.73
CA CYS A 113 -6.59 -11.62 8.93
C CYS A 113 -7.05 -13.01 9.41
N SER A 114 -8.31 -13.15 9.78
CA SER A 114 -8.76 -14.44 10.32
C SER A 114 -8.68 -15.57 9.26
N PHE A 115 -8.44 -16.82 9.71
CA PHE A 115 -8.54 -18.02 8.85
C PHE A 115 -9.79 -17.91 7.98
N VAL A 116 -10.85 -17.41 8.63
CA VAL A 116 -12.18 -17.21 8.07
C VAL A 116 -12.10 -16.29 6.85
N THR A 117 -11.53 -15.09 7.04
CA THR A 117 -11.36 -14.06 6.00
C THR A 117 -10.39 -14.49 4.90
N LEU A 118 -9.28 -15.11 5.31
CA LEU A 118 -8.33 -15.70 4.35
C LEU A 118 -9.00 -16.67 3.34
N ALA A 119 -9.92 -17.51 3.83
CA ALA A 119 -10.60 -18.51 2.99
C ALA A 119 -11.63 -17.81 2.06
N LEU A 120 -12.40 -16.89 2.63
CA LEU A 120 -13.32 -16.10 1.83
C LEU A 120 -12.60 -15.32 0.74
N LEU A 121 -11.50 -14.65 1.10
CA LEU A 121 -10.79 -13.83 0.12
C LEU A 121 -10.21 -14.74 -0.94
N GLY A 122 -9.56 -15.83 -0.52
CA GLY A 122 -9.08 -16.90 -1.40
C GLY A 122 -10.09 -17.39 -2.42
N SER A 123 -11.31 -17.69 -1.98
CA SER A 123 -12.40 -18.21 -2.82
C SER A 123 -12.91 -17.22 -3.93
N TYR A 124 -12.85 -15.93 -3.61
CA TYR A 124 -13.10 -14.87 -4.53
C TYR A 124 -11.98 -14.78 -5.56
N THR A 125 -10.72 -15.00 -5.15
CA THR A 125 -9.60 -14.95 -6.07
C THR A 125 -9.79 -16.06 -7.11
N VAL A 126 -10.21 -17.21 -6.62
CA VAL A 126 -10.29 -18.44 -7.40
C VAL A 126 -11.41 -18.30 -8.44
N GLN A 127 -12.56 -17.76 -8.00
CA GLN A 127 -13.71 -17.46 -8.87
C GLN A 127 -13.37 -16.40 -9.91
N SER A 128 -12.62 -15.39 -9.50
CA SER A 128 -12.13 -14.41 -10.48
C SER A 128 -11.22 -15.05 -11.55
N GLU A 129 -10.18 -15.79 -11.12
CA GLU A 129 -9.15 -16.28 -12.05
C GLU A 129 -9.58 -17.55 -12.79
N LEU A 130 -10.33 -18.43 -12.13
CA LEU A 130 -10.66 -19.70 -12.69
C LEU A 130 -12.07 -19.77 -13.22
N GLY A 131 -12.97 -18.98 -12.65
CA GLY A 131 -14.38 -19.08 -13.00
C GLY A 131 -15.09 -20.08 -12.12
N ASP A 132 -16.25 -20.52 -12.61
CA ASP A 132 -17.11 -21.48 -11.88
C ASP A 132 -16.38 -22.77 -11.56
N TYR A 133 -16.61 -23.25 -10.32
CA TYR A 133 -16.24 -24.60 -9.94
C TYR A 133 -16.89 -25.62 -10.86
N ASP A 134 -16.13 -26.65 -11.25
CA ASP A 134 -16.64 -27.78 -12.01
C ASP A 134 -15.84 -29.05 -11.64
N PRO A 135 -16.50 -30.11 -11.11
CA PRO A 135 -15.77 -31.38 -10.82
C PRO A 135 -14.89 -31.96 -11.96
N ASP A 136 -15.05 -31.45 -13.19
CA ASP A 136 -14.39 -31.97 -14.41
C ASP A 136 -13.19 -31.13 -14.92
N GLU A 137 -13.10 -29.87 -14.52
CA GLU A 137 -11.90 -29.09 -14.71
C GLU A 137 -11.11 -29.08 -13.39
N CYS A 138 -11.83 -29.32 -12.29
CA CYS A 138 -11.29 -29.19 -10.93
C CYS A 138 -11.05 -30.54 -10.31
N GLY A 139 -9.79 -30.92 -10.32
CA GLY A 139 -9.36 -32.10 -9.62
C GLY A 139 -9.58 -31.64 -8.22
N SER A 140 -8.82 -32.16 -7.28
CA SER A 140 -8.91 -31.70 -5.91
C SER A 140 -7.54 -31.11 -5.65
N ASP A 141 -7.03 -30.51 -6.72
CA ASP A 141 -5.64 -30.20 -6.86
C ASP A 141 -5.54 -28.98 -7.79
N TYR A 142 -6.68 -28.47 -8.18
CA TYR A 142 -6.80 -27.39 -9.14
C TYR A 142 -6.35 -26.00 -8.67
N ILE A 143 -6.17 -25.85 -7.37
CA ILE A 143 -5.73 -24.58 -6.74
C ILE A 143 -4.33 -24.68 -6.10
N SER A 144 -3.48 -25.54 -6.66
CA SER A 144 -2.14 -25.76 -6.13
C SER A 144 -1.19 -24.60 -6.40
N GLU A 145 -1.51 -23.79 -7.40
CA GLU A 145 -0.67 -22.66 -7.77
C GLU A 145 -0.85 -21.47 -6.84
N PHE A 146 -2.10 -21.20 -6.48
CA PHE A 146 -2.43 -20.07 -5.60
C PHE A 146 -1.80 -20.11 -4.22
N ARG A 147 -1.22 -18.97 -3.80
CA ARG A 147 -0.85 -18.70 -2.40
C ARG A 147 -1.95 -17.85 -1.77
N PHE A 148 -2.43 -18.21 -0.56
CA PHE A 148 -3.58 -17.52 0.08
C PHE A 148 -3.26 -16.75 1.37
N ALA A 149 -2.08 -17.04 1.93
CA ALA A 149 -1.78 -16.81 3.34
C ALA A 149 -0.30 -17.04 3.39
N PRO A 150 0.40 -16.44 4.35
CA PRO A 150 1.79 -16.80 4.51
C PRO A 150 1.94 -18.32 4.62
N ASN A 151 0.96 -18.98 5.25
CA ASN A 151 1.06 -20.41 5.45
C ASN A 151 -0.18 -21.18 5.03
N HIS A 152 0.03 -22.23 4.23
CA HIS A 152 -1.06 -23.01 3.67
C HIS A 152 -1.38 -24.20 4.52
N THR A 153 -2.56 -24.20 5.13
CA THR A 153 -3.09 -25.36 5.80
C THR A 153 -3.88 -26.09 4.75
N LYS A 154 -3.86 -27.42 4.78
CA LYS A 154 -4.69 -28.20 3.88
C LYS A 154 -6.16 -27.99 4.22
N GLU A 155 -6.44 -27.38 5.37
CA GLU A 155 -7.81 -27.05 5.78
C GLU A 155 -8.26 -25.67 5.27
N LEU A 156 -7.33 -24.72 5.16
CA LEU A 156 -7.58 -23.45 4.42
C LEU A 156 -7.95 -23.77 2.99
N GLU A 157 -7.17 -24.65 2.37
CA GLU A 157 -7.38 -25.10 1.00
C GLU A 157 -8.76 -25.74 0.78
N ASP A 158 -9.19 -26.60 1.71
CA ASP A 158 -10.52 -27.20 1.62
C ASP A 158 -11.64 -26.16 1.74
N LYS A 159 -11.44 -25.17 2.61
CA LYS A 159 -12.43 -24.10 2.86
C LYS A 159 -12.55 -23.12 1.68
N VAL A 160 -11.41 -22.79 1.07
CA VAL A 160 -11.42 -22.05 -0.18
C VAL A 160 -12.25 -22.81 -1.24
N ILE A 161 -12.03 -24.13 -1.37
CA ILE A 161 -12.80 -24.94 -2.35
C ILE A 161 -14.31 -24.92 -2.05
N GLU A 162 -14.67 -25.14 -0.77
CA GLU A 162 -16.07 -25.11 -0.29
C GLU A 162 -16.76 -23.78 -0.66
N LEU A 163 -16.09 -22.67 -0.34
CA LEU A 163 -16.66 -21.37 -0.60
C LEU A 163 -16.72 -21.07 -2.11
N HIS A 164 -15.73 -21.55 -2.86
CA HIS A 164 -15.65 -21.40 -4.32
C HIS A 164 -16.88 -21.99 -5.00
N LYS A 165 -17.22 -23.22 -4.56
CA LYS A 165 -18.42 -23.94 -4.99
C LYS A 165 -19.70 -23.11 -4.83
N SER A 166 -19.78 -22.30 -3.78
CA SER A 166 -20.94 -21.42 -3.57
C SER A 166 -20.98 -20.16 -4.44
N HIS A 167 -19.84 -19.74 -4.99
CA HIS A 167 -19.77 -18.49 -5.80
C HIS A 167 -20.16 -18.67 -7.27
N ARG A 168 -20.83 -19.76 -7.56
CA ARG A 168 -21.10 -20.16 -8.92
C ARG A 168 -22.00 -19.14 -9.64
N GLY A 169 -21.59 -18.70 -10.82
CA GLY A 169 -22.33 -17.72 -11.61
C GLY A 169 -21.66 -16.35 -11.51
N MET A 170 -20.76 -16.18 -10.56
CA MET A 170 -20.18 -14.89 -10.25
C MET A 170 -19.05 -14.50 -11.23
N THR A 171 -19.18 -13.32 -11.81
CA THR A 171 -18.24 -12.77 -12.79
C THR A 171 -17.01 -12.28 -12.06
N PRO A 172 -15.88 -12.15 -12.77
CA PRO A 172 -14.65 -11.59 -12.14
C PRO A 172 -14.87 -10.23 -11.49
N ALA A 173 -15.55 -9.33 -12.18
CA ALA A 173 -15.83 -8.03 -11.62
C ALA A 173 -16.49 -8.14 -10.23
N GLU A 174 -17.49 -9.02 -10.10
CA GLU A 174 -18.14 -9.29 -8.83
C GLU A 174 -17.28 -10.06 -7.79
N ALA A 175 -16.55 -11.12 -8.22
CA ALA A 175 -15.61 -11.76 -7.28
C ALA A 175 -14.69 -10.72 -6.70
N GLU A 176 -14.18 -9.84 -7.53
CA GLU A 176 -13.22 -8.84 -7.11
C GLU A 176 -13.78 -7.80 -6.20
N MET A 177 -15.00 -7.40 -6.49
CA MET A 177 -15.70 -6.45 -5.69
C MET A 177 -15.97 -6.94 -4.31
N HIS A 178 -16.34 -8.20 -4.21
CA HIS A 178 -16.53 -8.85 -2.94
C HIS A 178 -15.23 -8.97 -2.21
N PHE A 179 -14.22 -9.48 -2.88
CA PHE A 179 -12.84 -9.39 -2.39
C PHE A 179 -12.50 -8.00 -1.77
N LEU A 180 -12.77 -6.91 -2.47
CA LEU A 180 -12.40 -5.59 -1.97
C LEU A 180 -13.19 -5.14 -0.74
N GLU A 181 -14.48 -5.50 -0.66
CA GLU A 181 -15.32 -5.13 0.45
C GLU A 181 -14.88 -5.83 1.70
N ASN A 182 -14.45 -7.09 1.63
CA ASN A 182 -13.99 -7.77 2.88
C ASN A 182 -12.63 -7.26 3.21
N ALA A 183 -11.77 -7.06 2.23
CA ALA A 183 -10.41 -6.53 2.44
C ALA A 183 -10.31 -5.12 3.06
N LYS A 184 -11.13 -4.17 2.58
CA LYS A 184 -11.07 -2.79 3.04
C LYS A 184 -11.49 -2.64 4.53
N LYS A 185 -12.26 -3.61 5.02
CA LYS A 185 -12.72 -3.62 6.41
C LYS A 185 -11.60 -4.15 7.35
N LEU A 186 -10.50 -4.68 6.82
CA LEU A 186 -9.47 -5.28 7.67
C LEU A 186 -8.74 -4.15 8.37
N SER A 187 -8.18 -4.50 9.52
CA SER A 187 -7.62 -3.57 10.46
C SER A 187 -6.39 -2.87 9.93
N MET A 188 -5.50 -3.62 9.28
CA MET A 188 -4.31 -3.04 8.68
C MET A 188 -4.48 -2.63 7.19
N TYR A 189 -5.71 -2.68 6.65
CA TYR A 189 -5.94 -2.30 5.25
C TYR A 189 -5.35 -0.93 4.93
N GLY A 190 -4.36 -0.95 4.04
CA GLY A 190 -3.78 0.25 3.51
C GLY A 190 -2.80 0.98 4.41
N VAL A 191 -2.43 0.38 5.55
CA VAL A 191 -1.58 1.04 6.56
C VAL A 191 -0.10 0.79 6.26
N ASP A 192 0.63 1.88 6.11
CA ASP A 192 2.05 1.85 5.88
C ASP A 192 2.69 1.93 7.26
N LEU A 193 3.30 0.83 7.70
CA LEU A 193 3.82 0.70 9.04
C LEU A 193 5.29 1.07 9.12
N HIS A 194 5.65 1.88 10.09
CA HIS A 194 7.02 2.35 10.26
C HIS A 194 7.41 2.11 11.70
N HIS A 195 8.54 1.47 11.94
CA HIS A 195 9.16 1.36 13.28
C HIS A 195 9.62 2.69 13.84
N ALA A 196 9.34 2.89 15.11
CA ALA A 196 9.68 4.13 15.82
C ALA A 196 9.77 3.76 17.27
N LYS A 197 10.26 4.70 18.06
CA LYS A 197 10.23 4.63 19.51
C LYS A 197 9.46 5.83 20.02
N ASP A 198 8.70 5.63 21.08
CA ASP A 198 8.03 6.74 21.72
C ASP A 198 8.98 7.46 22.65
N SER A 199 8.43 8.42 23.39
CA SER A 199 9.19 9.33 24.27
C SER A 199 9.87 8.61 25.46
N GLU A 200 9.35 7.44 25.82
CA GLU A 200 9.94 6.66 26.90
C GLU A 200 10.95 5.65 26.36
N GLY A 201 10.98 5.47 25.04
CA GLY A 201 11.90 4.54 24.42
C GLY A 201 11.31 3.18 24.22
N VAL A 202 10.00 3.09 24.29
CA VAL A 202 9.30 1.85 24.03
C VAL A 202 9.05 1.76 22.51
N GLU A 203 9.31 0.60 21.93
CA GLU A 203 9.29 0.40 20.49
C GLU A 203 7.83 0.20 20.12
N ILE A 204 7.41 1.03 19.16
CA ILE A 204 6.05 1.10 18.64
C ILE A 204 6.12 1.18 17.09
N MET A 205 4.96 1.12 16.46
CA MET A 205 4.85 1.23 15.01
C MET A 205 3.86 2.33 14.63
N LEU A 206 4.29 3.22 13.75
CA LEU A 206 3.47 4.35 13.32
C LEU A 206 2.91 4.12 11.92
N GLY A 207 1.64 3.75 11.86
CA GLY A 207 0.98 3.51 10.58
C GLY A 207 0.34 4.75 9.98
N VAL A 208 0.44 4.90 8.65
CA VAL A 208 -0.23 5.97 7.90
C VAL A 208 -1.28 5.33 7.00
N CYS A 209 -2.48 5.91 6.98
CA CYS A 209 -3.50 5.58 6.00
C CYS A 209 -4.44 6.75 5.70
N ALA A 210 -5.45 6.49 4.90
CA ALA A 210 -6.42 7.47 4.47
C ALA A 210 -7.04 8.22 5.67
N SER A 211 -7.32 7.50 6.73
CA SER A 211 -8.06 8.10 7.81
C SER A 211 -7.17 8.96 8.78
N GLY A 212 -5.92 8.59 8.94
CA GLY A 212 -5.04 9.32 9.82
C GLY A 212 -3.76 8.57 10.14
N LEU A 213 -3.16 8.93 11.28
CA LEU A 213 -1.97 8.27 11.82
C LEU A 213 -2.38 7.33 12.98
N LEU A 214 -1.78 6.14 13.03
CA LEU A 214 -2.03 5.07 14.00
C LEU A 214 -0.74 4.82 14.76
N ILE A 215 -0.87 4.54 16.04
CA ILE A 215 0.22 4.05 16.85
C ILE A 215 -0.11 2.66 17.33
N TYR A 216 0.81 1.71 17.17
CA TYR A 216 0.68 0.33 17.69
C TYR A 216 1.71 0.02 18.73
N ARG A 217 1.27 -0.51 19.87
CA ARG A 217 2.19 -1.15 20.83
C ARG A 217 1.61 -2.46 21.37
N LEU A 220 -0.98 -5.21 18.87
CA LEU A 220 -1.52 -4.39 19.93
C LEU A 220 -1.68 -2.99 19.45
N ARG A 221 -2.81 -2.70 18.80
CA ARG A 221 -3.09 -1.33 18.42
C ARG A 221 -3.53 -0.47 19.58
N ILE A 222 -2.90 0.70 19.63
CA ILE A 222 -3.12 1.68 20.69
C ILE A 222 -3.90 2.92 20.24
N ASN A 223 -3.20 3.94 19.73
CA ASN A 223 -3.85 5.20 19.44
C ASN A 223 -4.19 5.38 17.97
N ARG A 224 -4.87 6.44 17.63
CA ARG A 224 -5.25 6.72 16.28
C ARG A 224 -5.60 8.21 16.17
N PHE A 225 -4.96 8.95 15.29
CA PHE A 225 -5.29 10.38 15.08
C PHE A 225 -5.83 10.64 13.66
N ALA A 226 -7.13 10.81 13.53
CA ALA A 226 -7.78 11.18 12.28
C ALA A 226 -7.11 12.46 11.78
N TRP A 227 -6.93 12.61 10.46
CA TRP A 227 -6.31 13.82 9.88
C TRP A 227 -6.88 15.14 10.36
N PRO A 228 -8.22 15.27 10.37
CA PRO A 228 -8.87 16.43 10.97
C PRO A 228 -8.28 16.92 12.28
N LYS A 229 -7.67 16.04 13.06
CA LYS A 229 -7.10 16.40 14.38
C LYS A 229 -5.58 16.61 14.42
N VAL A 230 -4.94 16.41 13.27
CA VAL A 230 -3.51 16.64 13.13
C VAL A 230 -3.37 18.06 12.58
N LEU A 231 -2.79 18.96 13.36
CA LEU A 231 -2.61 20.34 12.95
C LEU A 231 -1.28 20.55 12.18
N LYS A 232 -0.29 19.74 12.47
CA LYS A 232 1.03 19.92 11.94
C LYS A 232 1.83 18.58 12.01
N ILE A 233 2.62 18.29 10.99
CA ILE A 233 3.43 17.06 10.91
C ILE A 233 4.83 17.61 10.58
N SER A 234 5.84 17.21 11.33
N SER A 234 5.82 17.25 11.39
CA SER A 234 7.19 17.69 11.09
CA SER A 234 7.21 17.72 11.26
C SER A 234 8.29 16.72 11.58
C SER A 234 8.25 16.61 11.42
N TYR A 235 9.49 16.93 11.08
CA TYR A 235 10.64 16.14 11.49
C TYR A 235 11.78 17.12 11.71
N LYS A 236 12.69 16.67 12.55
CA LYS A 236 13.95 17.33 12.82
C LYS A 236 14.83 16.17 13.19
N ARG A 237 15.94 16.01 12.48
CA ARG A 237 16.93 14.96 12.76
C ARG A 237 16.33 13.51 12.73
N ASN A 238 16.55 12.78 13.80
CA ASN A 238 16.04 11.45 14.06
C ASN A 238 14.56 11.39 14.37
N ASN A 239 13.97 12.53 14.61
CA ASN A 239 12.64 12.65 15.26
C ASN A 239 11.47 13.08 14.39
N PHE A 240 10.31 12.56 14.74
CA PHE A 240 9.07 12.81 14.01
C PHE A 240 8.01 13.34 15.02
N TYR A 241 7.34 14.43 14.64
CA TYR A 241 6.41 15.13 15.47
C TYR A 241 5.06 15.36 14.79
N ILE A 242 4.03 15.22 15.63
CA ILE A 242 2.67 15.67 15.33
C ILE A 242 2.12 16.60 16.44
N LYS A 243 1.44 17.63 15.97
CA LYS A 243 0.71 18.53 16.81
C LYS A 243 -0.77 18.23 16.70
N ILE A 244 -1.42 18.14 17.84
CA ILE A 244 -2.83 17.81 17.98
C ILE A 244 -3.40 18.74 19.04
N ARG A 245 -4.73 18.87 19.10
N ARG A 245 -4.74 18.78 19.11
CA ARG A 245 -5.41 19.60 20.19
CA ARG A 245 -5.48 19.50 20.13
C ARG A 245 -6.15 18.54 21.03
C ARG A 245 -6.16 18.46 21.01
N PRO A 246 -5.53 18.09 22.13
CA PRO A 246 -6.13 17.06 22.96
C PRO A 246 -7.20 17.66 23.86
N GLY A 247 -7.97 16.78 24.47
CA GLY A 247 -8.98 17.27 25.42
C GLY A 247 -10.29 17.51 24.74
N GLU A 248 -11.37 17.40 25.49
CA GLU A 248 -12.71 17.40 24.92
C GLU A 248 -13.03 18.68 24.12
N PHE A 249 -12.48 19.83 24.52
CA PHE A 249 -12.81 21.10 23.88
C PHE A 249 -11.66 21.69 23.07
N GLU A 250 -10.58 20.90 22.94
CA GLU A 250 -9.48 21.28 22.07
C GLU A 250 -8.98 22.69 22.41
N GLN A 251 -8.62 22.87 23.68
CA GLN A 251 -8.34 24.20 24.24
C GLN A 251 -6.87 24.55 24.18
N PHE A 252 -6.06 23.54 23.88
CA PHE A 252 -4.63 23.68 23.83
C PHE A 252 -4.02 22.74 22.82
N GLU A 253 -2.76 23.02 22.50
CA GLU A 253 -1.99 22.26 21.56
C GLU A 253 -0.97 21.46 22.27
N SER A 254 -0.72 20.28 21.73
CA SER A 254 0.27 19.40 22.28
C SER A 254 1.02 18.76 21.14
N THR A 255 2.36 18.69 21.28
CA THR A 255 3.22 18.09 20.29
C THR A 255 3.70 16.76 20.82
N ILE A 256 3.46 15.71 20.03
CA ILE A 256 3.88 14.36 20.36
C ILE A 256 5.05 13.97 19.43
N GLY A 257 6.05 13.33 20.06
CA GLY A 257 7.32 13.02 19.45
C GLY A 257 7.71 11.54 19.47
N PHE A 258 8.35 11.12 18.39
CA PHE A 258 8.76 9.73 18.13
C PHE A 258 10.21 9.76 17.61
N LYS A 259 11.02 8.83 18.08
CA LYS A 259 12.40 8.78 17.67
C LYS A 259 12.47 7.69 16.63
N LEU A 260 12.99 8.02 15.46
CA LEU A 260 13.12 7.07 14.37
C LEU A 260 14.58 6.66 14.24
N PRO A 261 14.85 5.52 13.53
CA PRO A 261 16.19 4.96 13.65
C PRO A 261 17.28 5.86 13.10
N ASN A 262 16.94 6.80 12.22
CA ASN A 262 17.92 7.69 11.62
C ASN A 262 17.19 8.83 10.93
N HIS A 263 17.91 9.88 10.50
CA HIS A 263 17.25 11.04 9.90
C HIS A 263 16.43 10.66 8.66
N ARG A 264 16.90 9.67 7.91
CA ARG A 264 16.27 9.27 6.68
C ARG A 264 14.96 8.51 6.90
N ALA A 265 14.90 7.70 7.97
CA ALA A 265 13.68 7.00 8.34
C ALA A 265 12.61 8.06 8.74
N ALA A 266 13.04 9.10 9.47
CA ALA A 266 12.20 10.22 9.85
C ALA A 266 11.70 10.98 8.65
N LYS A 267 12.60 11.31 7.75
CA LYS A 267 12.21 11.97 6.52
C LYS A 267 11.22 11.12 5.67
N ARG A 268 11.43 9.81 5.53
CA ARG A 268 10.46 8.95 4.78
C ARG A 268 9.10 8.92 5.41
N LEU A 269 9.04 8.77 6.74
CA LEU A 269 7.77 8.79 7.49
C LEU A 269 7.10 10.09 7.29
N TRP A 270 7.79 11.20 7.50
CA TRP A 270 7.19 12.50 7.32
C TRP A 270 6.59 12.73 5.93
N LYS A 271 7.31 12.30 4.91
CA LYS A 271 6.87 12.49 3.54
C LYS A 271 5.60 11.71 3.21
N VAL A 272 5.63 10.45 3.55
CA VAL A 272 4.47 9.57 3.44
C VAL A 272 3.22 10.12 4.15
N CYS A 273 3.39 10.62 5.35
CA CYS A 273 2.30 11.31 6.06
C CYS A 273 1.79 12.57 5.38
N VAL A 274 2.68 13.44 4.95
CA VAL A 274 2.29 14.64 4.19
C VAL A 274 1.51 14.31 2.89
N GLU A 275 2.02 13.33 2.17
CA GLU A 275 1.43 12.91 0.93
C GLU A 275 0.05 12.33 1.16
N HIS A 276 -0.12 11.52 2.19
CA HIS A 276 -1.41 10.99 2.57
C HIS A 276 -2.39 12.11 2.98
N HIS A 277 -1.93 13.09 3.73
CA HIS A 277 -2.80 14.14 4.13
C HIS A 277 -3.24 14.90 2.87
N THR A 278 -2.29 15.31 2.04
CA THR A 278 -2.61 16.02 0.77
C THR A 278 -3.60 15.27 -0.14
N PHE A 279 -3.34 14.00 -0.35
CA PHE A 279 -4.17 13.16 -1.17
C PHE A 279 -5.56 12.97 -0.57
N PHE A 280 -5.62 12.60 0.67
CA PHE A 280 -6.90 12.21 1.23
C PHE A 280 -7.73 13.40 1.69
N ARG A 281 -7.10 14.53 1.99
CA ARG A 281 -7.79 15.67 2.54
C ARG A 281 -7.82 16.85 1.58
N LEU A 282 -6.86 16.93 0.66
CA LEU A 282 -6.90 17.92 -0.44
C LEU A 282 -7.00 17.21 -1.90
N LEU A 283 -8.10 16.47 -2.11
CA LEU A 283 -8.40 15.61 -3.32
C LEU A 283 -8.11 14.13 -3.08
N GLY B 5 12.02 20.05 8.30
CA GLY B 5 10.78 19.61 7.69
C GLY B 5 9.56 19.94 8.52
N THR B 6 8.68 20.77 7.97
CA THR B 6 7.45 21.17 8.68
C THR B 6 6.31 21.26 7.69
N TYR B 7 5.15 20.75 8.08
CA TYR B 7 3.97 20.80 7.23
C TYR B 7 2.72 21.18 8.05
N PHE B 8 2.01 22.21 7.61
CA PHE B 8 0.72 22.58 8.21
C PHE B 8 -0.45 21.97 7.45
N THR B 9 -1.32 21.32 8.21
CA THR B 9 -2.48 20.68 7.66
C THR B 9 -3.61 21.69 7.44
N HIS B 10 -3.73 22.71 8.32
CA HIS B 10 -4.78 23.77 8.25
C HIS B 10 -6.17 23.14 8.45
N GLU B 11 -6.24 22.30 9.48
CA GLU B 11 -7.31 21.32 9.61
C GLU B 11 -8.47 21.80 10.47
#